data_7PTG
#
_entry.id   7PTG
#
_cell.length_a   52.572
_cell.length_b   47.865
_cell.length_c   75.287
_cell.angle_alpha   90.000
_cell.angle_beta   93.460
_cell.angle_gamma   90.000
#
_symmetry.space_group_name_H-M   'P 1 21 1'
#
loop_
_entity.id
_entity.type
_entity.pdbx_description
1 polymer 'DNA gyrase subunit B'
2 non-polymer '2-[[3,4-bis(chloranyl)-5-methyl-1H-pyrrol-2-yl]carbonylamino]-4-[(1S)-1-phenylethoxy]-1,3-benzothiazole-6-carboxylic acid'
3 water water
#
_entity_poly.entity_id   1
_entity_poly.type   'polypeptide(L)'
_entity_poly.pdbx_seq_one_letter_code
;MSENNTYDSSSIKVLKGLDAVRKRPGMYIGDTDDGTGLHHMVFEVVDNSIDEALAGYCSEISITIHTDESITVRDNGRGI
PVDIHKEEGVSAAEVIMTVLHAGGKFDDNTYKVSGGLHGVGVSVVNALSHELRLTIRRHNKVWEQVYHHGVPQFPLREVG
ETDGSGTEVHFKPSPETFSNIHFSWDILAKRIRELSFLNSGVGILLRDERTGKEELFKYEG
;
_entity_poly.pdbx_strand_id   A,B
#
# COMPACT_ATOMS: atom_id res chain seq x y z
N GLY A 17 -20.56 -26.93 3.71
CA GLY A 17 -21.66 -25.98 3.34
C GLY A 17 -21.18 -24.84 2.45
N LEU A 18 -19.90 -24.85 2.03
CA LEU A 18 -19.42 -23.95 0.95
C LEU A 18 -20.09 -24.35 -0.37
N ASP A 19 -20.39 -25.63 -0.54
CA ASP A 19 -21.12 -26.15 -1.71
C ASP A 19 -22.42 -25.35 -1.93
N ALA A 20 -23.16 -25.14 -0.85
CA ALA A 20 -24.43 -24.39 -0.89
C ALA A 20 -24.15 -22.98 -1.42
N VAL A 21 -23.06 -22.38 -0.99
CA VAL A 21 -22.74 -20.98 -1.37
C VAL A 21 -22.42 -20.95 -2.87
N ARG A 22 -21.56 -21.87 -3.30
CA ARG A 22 -21.11 -21.99 -4.72
C ARG A 22 -22.33 -22.20 -5.61
N LYS A 23 -23.27 -23.02 -5.15
CA LYS A 23 -24.48 -23.39 -5.92
C LYS A 23 -25.37 -22.17 -6.06
N ARG A 24 -25.58 -21.38 -5.01
CA ARG A 24 -26.57 -20.27 -5.04
C ARG A 24 -25.88 -19.02 -4.51
N PRO A 25 -24.91 -18.44 -5.25
CA PRO A 25 -24.07 -17.36 -4.71
C PRO A 25 -24.83 -16.04 -4.54
N GLY A 26 -25.75 -15.76 -5.48
CA GLY A 26 -26.63 -14.58 -5.43
C GLY A 26 -27.23 -14.41 -4.05
N MET A 27 -27.69 -15.51 -3.46
CA MET A 27 -28.39 -15.61 -2.15
C MET A 27 -27.43 -15.21 -1.01
N TYR A 28 -26.11 -15.36 -1.17
CA TYR A 28 -25.12 -15.09 -0.10
C TYR A 28 -24.46 -13.73 -0.30
N ILE A 29 -24.21 -13.33 -1.55
CA ILE A 29 -23.25 -12.20 -1.80
C ILE A 29 -23.93 -11.04 -2.51
N GLY A 30 -25.04 -11.28 -3.16
CA GLY A 30 -25.70 -10.28 -4.00
C GLY A 30 -25.53 -10.61 -5.48
N ASP A 31 -25.92 -9.68 -6.33
CA ASP A 31 -25.92 -9.90 -7.78
C ASP A 31 -24.48 -10.15 -8.25
N THR A 32 -24.27 -11.26 -8.98
CA THR A 32 -22.93 -11.68 -9.43
C THR A 32 -22.58 -11.07 -10.81
N ASP A 33 -23.46 -10.22 -11.38
CA ASP A 33 -23.30 -9.67 -12.76
C ASP A 33 -23.20 -8.13 -12.77
N ASP A 34 -23.78 -7.43 -11.80
CA ASP A 34 -23.92 -5.95 -11.88
C ASP A 34 -22.83 -5.28 -11.02
N GLY A 35 -21.92 -6.03 -10.42
CA GLY A 35 -20.83 -5.46 -9.60
C GLY A 35 -21.16 -5.36 -8.12
N THR A 36 -22.42 -5.41 -7.75
CA THR A 36 -22.91 -5.34 -6.34
C THR A 36 -22.23 -6.43 -5.52
N GLY A 37 -22.39 -7.70 -5.91
CA GLY A 37 -21.84 -8.81 -5.13
C GLY A 37 -20.32 -8.80 -5.14
N LEU A 38 -19.71 -8.49 -6.29
CA LEU A 38 -18.24 -8.40 -6.40
C LEU A 38 -17.73 -7.45 -5.31
N HIS A 39 -18.35 -6.28 -5.15
CA HIS A 39 -17.85 -5.28 -4.18
C HIS A 39 -18.16 -5.73 -2.77
N HIS A 40 -19.26 -6.44 -2.58
CA HIS A 40 -19.65 -6.96 -1.24
C HIS A 40 -18.62 -7.97 -0.79
N MET A 41 -17.97 -8.69 -1.72
CA MET A 41 -16.88 -9.62 -1.36
C MET A 41 -15.84 -8.83 -0.51
N VAL A 42 -15.48 -7.63 -0.95
CA VAL A 42 -14.50 -6.73 -0.26
C VAL A 42 -15.11 -6.22 1.07
N PHE A 43 -16.36 -5.74 1.04
CA PHE A 43 -17.06 -5.16 2.21
C PHE A 43 -17.01 -6.17 3.37
N GLU A 44 -17.27 -7.43 3.04
CA GLU A 44 -17.31 -8.53 4.04
C GLU A 44 -15.94 -8.75 4.63
N VAL A 45 -14.90 -8.83 3.83
CA VAL A 45 -13.53 -9.05 4.39
C VAL A 45 -13.20 -7.84 5.28
N VAL A 46 -13.44 -6.64 4.80
CA VAL A 46 -13.17 -5.40 5.57
C VAL A 46 -13.96 -5.41 6.88
N ASP A 47 -15.22 -5.89 6.86
CA ASP A 47 -16.06 -5.86 8.09
C ASP A 47 -15.39 -6.70 9.16
N ASN A 48 -14.77 -7.80 8.79
CA ASN A 48 -14.02 -8.64 9.76
C ASN A 48 -12.88 -7.86 10.40
N SER A 49 -12.16 -7.05 9.61
CA SER A 49 -11.06 -6.20 10.16
C SER A 49 -11.65 -5.12 11.07
N ILE A 50 -12.82 -4.58 10.72
CA ILE A 50 -13.51 -3.56 11.58
C ILE A 50 -13.90 -4.19 12.91
N ASP A 51 -14.30 -5.45 12.93
CA ASP A 51 -14.65 -6.15 14.21
C ASP A 51 -13.39 -6.08 15.09
N GLU A 52 -12.25 -6.37 14.48
CA GLU A 52 -10.95 -6.46 15.19
C GLU A 52 -10.61 -5.08 15.75
N ALA A 53 -10.95 -4.02 15.03
CA ALA A 53 -10.76 -2.60 15.46
C ALA A 53 -11.66 -2.30 16.63
N LEU A 54 -12.95 -2.61 16.47
CA LEU A 54 -13.98 -2.30 17.49
C LEU A 54 -13.61 -3.00 18.79
N ALA A 55 -13.06 -4.22 18.72
CA ALA A 55 -12.63 -4.97 19.92
C ALA A 55 -11.39 -4.32 20.56
N GLY A 56 -10.74 -3.38 19.86
CA GLY A 56 -9.64 -2.54 20.38
C GLY A 56 -8.27 -3.00 19.88
N TYR A 57 -8.19 -3.95 18.94
CA TYR A 57 -6.92 -4.61 18.58
C TYR A 57 -6.35 -4.02 17.29
N CYS A 58 -7.17 -3.41 16.47
CA CYS A 58 -6.79 -2.97 15.11
C CYS A 58 -7.00 -1.45 14.98
N SER A 59 -5.96 -0.72 14.59
CA SER A 59 -5.97 0.73 14.32
C SER A 59 -5.81 1.01 12.82
N GLU A 60 -5.30 0.05 12.07
N GLU A 60 -5.29 0.04 12.08
CA GLU A 60 -4.93 0.30 10.67
CA GLU A 60 -4.93 0.29 10.66
C GLU A 60 -5.43 -0.87 9.82
C GLU A 60 -5.45 -0.87 9.82
N ILE A 61 -6.04 -0.52 8.69
CA ILE A 61 -6.54 -1.46 7.68
C ILE A 61 -6.07 -0.96 6.33
N SER A 62 -5.60 -1.90 5.52
CA SER A 62 -5.11 -1.63 4.16
C SER A 62 -5.92 -2.43 3.17
N ILE A 63 -6.42 -1.77 2.15
CA ILE A 63 -7.17 -2.44 1.05
C ILE A 63 -6.45 -2.10 -0.25
N THR A 64 -6.05 -3.13 -1.00
CA THR A 64 -5.36 -2.95 -2.30
C THR A 64 -6.15 -3.60 -3.43
N ILE A 65 -6.40 -2.83 -4.49
CA ILE A 65 -6.90 -3.35 -5.79
C ILE A 65 -5.69 -3.60 -6.67
N HIS A 66 -5.42 -4.89 -6.92
CA HIS A 66 -4.26 -5.34 -7.71
C HIS A 66 -4.59 -5.15 -9.19
N THR A 67 -3.54 -5.04 -9.99
CA THR A 67 -3.63 -4.82 -11.45
C THR A 67 -4.40 -5.98 -12.13
N ASP A 68 -4.43 -7.18 -11.54
CA ASP A 68 -5.11 -8.37 -12.12
C ASP A 68 -6.58 -8.43 -11.66
N GLU A 69 -7.08 -7.39 -10.98
CA GLU A 69 -8.46 -7.32 -10.43
C GLU A 69 -8.62 -8.38 -9.32
N SER A 70 -7.63 -8.52 -8.44
CA SER A 70 -7.73 -9.24 -7.15
C SER A 70 -7.66 -8.19 -6.04
N ILE A 71 -7.82 -8.62 -4.78
CA ILE A 71 -7.98 -7.72 -3.62
C ILE A 71 -7.14 -8.23 -2.46
N THR A 72 -6.39 -7.35 -1.81
CA THR A 72 -5.73 -7.65 -0.53
C THR A 72 -6.33 -6.71 0.51
N VAL A 73 -6.75 -7.31 1.61
CA VAL A 73 -7.16 -6.60 2.86
C VAL A 73 -6.17 -7.03 3.93
N ARG A 74 -5.59 -6.07 4.62
CA ARG A 74 -4.58 -6.35 5.67
C ARG A 74 -4.94 -5.51 6.90
N ASP A 75 -4.92 -6.09 8.10
CA ASP A 75 -5.14 -5.34 9.37
C ASP A 75 -3.96 -5.59 10.30
N ASN A 76 -3.82 -4.77 11.34
CA ASN A 76 -2.76 -4.89 12.37
C ASN A 76 -3.37 -5.43 13.69
N GLY A 77 -4.38 -6.30 13.59
CA GLY A 77 -5.05 -6.90 14.75
C GLY A 77 -4.25 -8.04 15.36
N ARG A 78 -4.90 -8.89 16.13
CA ARG A 78 -4.27 -10.00 16.89
C ARG A 78 -3.81 -11.08 15.91
N GLY A 79 -4.37 -11.13 14.70
CA GLY A 79 -4.19 -12.29 13.80
C GLY A 79 -5.11 -13.43 14.21
N ILE A 80 -5.74 -14.08 13.23
CA ILE A 80 -6.71 -15.17 13.52
C ILE A 80 -5.92 -16.26 14.20
N PRO A 81 -6.42 -16.89 15.28
CA PRO A 81 -5.67 -17.96 15.94
C PRO A 81 -5.35 -19.12 14.99
N VAL A 82 -4.21 -19.78 15.26
CA VAL A 82 -3.65 -20.84 14.39
C VAL A 82 -3.76 -22.21 15.06
N ASP A 83 -3.99 -22.20 16.36
CA ASP A 83 -4.04 -23.37 17.26
C ASP A 83 -4.99 -24.37 16.59
N ILE A 84 -4.65 -25.66 16.62
CA ILE A 84 -5.56 -26.73 16.13
C ILE A 84 -6.85 -26.63 16.95
N HIS A 85 -8.02 -26.63 16.30
CA HIS A 85 -9.34 -26.64 16.99
C HIS A 85 -9.74 -28.09 17.29
N LYS A 86 -10.00 -28.41 18.57
CA LYS A 86 -10.26 -29.78 19.10
C LYS A 86 -11.18 -30.53 18.14
N GLU A 87 -12.29 -29.92 17.72
CA GLU A 87 -13.41 -30.67 17.10
C GLU A 87 -13.08 -31.00 15.63
N GLU A 88 -12.60 -30.05 14.85
CA GLU A 88 -12.37 -30.26 13.39
C GLU A 88 -11.02 -30.93 13.13
N GLY A 89 -10.05 -30.73 14.03
CA GLY A 89 -8.68 -31.28 13.87
C GLY A 89 -7.84 -30.44 12.92
N VAL A 90 -8.30 -29.24 12.56
CA VAL A 90 -7.50 -28.27 11.75
C VAL A 90 -7.40 -26.96 12.51
N SER A 91 -6.58 -26.07 11.99
CA SER A 91 -6.35 -24.73 12.59
C SER A 91 -7.67 -23.98 12.71
N ALA A 92 -7.81 -23.20 13.78
CA ALA A 92 -8.96 -22.31 14.00
C ALA A 92 -9.14 -21.45 12.75
N ALA A 93 -8.08 -20.84 12.27
CA ALA A 93 -8.09 -20.06 11.00
C ALA A 93 -8.81 -20.86 9.91
N GLU A 94 -8.47 -22.13 9.71
CA GLU A 94 -9.06 -22.92 8.60
C GLU A 94 -10.59 -23.00 8.83
N VAL A 95 -10.97 -23.32 10.06
CA VAL A 95 -12.39 -23.44 10.48
C VAL A 95 -13.13 -22.16 10.09
N ILE A 96 -12.62 -21.01 10.52
CA ILE A 96 -13.22 -19.67 10.28
C ILE A 96 -13.40 -19.51 8.77
N MET A 97 -12.43 -19.93 7.97
CA MET A 97 -12.39 -19.61 6.53
C MET A 97 -13.25 -20.59 5.74
N THR A 98 -13.58 -21.74 6.32
CA THR A 98 -14.22 -22.86 5.58
C THR A 98 -15.62 -23.22 6.09
N VAL A 99 -16.00 -22.87 7.33
CA VAL A 99 -17.27 -23.35 7.94
C VAL A 99 -18.21 -22.14 8.14
N LEU A 100 -19.30 -22.10 7.39
CA LEU A 100 -20.47 -21.21 7.66
C LEU A 100 -20.93 -21.32 9.13
N GLY A 121 -20.46 -14.75 6.82
CA GLY A 121 -19.04 -14.52 7.20
C GLY A 121 -18.05 -14.63 6.04
N VAL A 122 -16.76 -14.46 6.34
CA VAL A 122 -15.65 -14.46 5.34
C VAL A 122 -15.63 -15.79 4.56
N SER A 123 -16.22 -16.87 5.07
CA SER A 123 -16.16 -18.18 4.40
C SER A 123 -16.94 -18.11 3.08
N VAL A 124 -17.90 -17.19 2.95
CA VAL A 124 -18.64 -16.93 1.68
C VAL A 124 -17.68 -16.38 0.63
N VAL A 125 -16.90 -15.37 1.00
CA VAL A 125 -15.87 -14.77 0.10
C VAL A 125 -14.94 -15.90 -0.37
N ASN A 126 -14.52 -16.74 0.56
CA ASN A 126 -13.60 -17.86 0.27
C ASN A 126 -14.27 -18.76 -0.78
N ALA A 127 -15.53 -19.12 -0.55
CA ALA A 127 -16.27 -20.07 -1.37
C ALA A 127 -16.32 -19.52 -2.80
N LEU A 128 -16.44 -18.18 -2.94
CA LEU A 128 -16.69 -17.51 -4.25
C LEU A 128 -15.42 -16.92 -4.84
N SER A 129 -14.27 -17.31 -4.30
CA SER A 129 -12.92 -16.94 -4.80
C SER A 129 -12.28 -18.19 -5.43
N HIS A 130 -11.79 -18.11 -6.67
CA HIS A 130 -11.07 -19.25 -7.30
C HIS A 130 -9.76 -19.48 -6.54
N GLU A 131 -9.19 -18.43 -5.95
CA GLU A 131 -7.97 -18.48 -5.14
C GLU A 131 -8.14 -17.47 -4.02
N LEU A 132 -7.82 -17.87 -2.79
CA LEU A 132 -7.71 -16.96 -1.64
C LEU A 132 -6.49 -17.39 -0.84
N ARG A 133 -5.63 -16.41 -0.52
CA ARG A 133 -4.41 -16.63 0.30
C ARG A 133 -4.62 -15.90 1.62
N LEU A 134 -4.58 -16.64 2.72
CA LEU A 134 -4.64 -16.07 4.10
C LEU A 134 -3.21 -16.05 4.67
N THR A 135 -2.77 -14.90 5.18
CA THR A 135 -1.47 -14.74 5.84
C THR A 135 -1.76 -14.18 7.23
N ILE A 136 -1.25 -14.85 8.24
CA ILE A 136 -1.46 -14.48 9.66
C ILE A 136 -0.10 -14.22 10.29
N ARG A 137 0.02 -13.07 10.94
CA ARG A 137 1.19 -12.71 11.77
C ARG A 137 0.76 -12.77 13.24
N ARG A 138 1.35 -13.66 14.02
CA ARG A 138 0.86 -13.99 15.38
C ARG A 138 1.96 -14.73 16.13
N HIS A 139 2.29 -14.25 17.33
CA HIS A 139 3.37 -14.81 18.21
C HIS A 139 4.69 -14.95 17.44
N ASN A 140 5.04 -13.93 16.66
CA ASN A 140 6.34 -13.77 15.95
C ASN A 140 6.47 -14.75 14.79
N LYS A 141 5.37 -15.40 14.37
CA LYS A 141 5.39 -16.33 13.23
C LYS A 141 4.46 -15.85 12.12
N VAL A 142 4.82 -16.13 10.88
CA VAL A 142 4.00 -15.87 9.67
C VAL A 142 3.44 -17.24 9.26
N TRP A 143 2.11 -17.34 9.17
CA TRP A 143 1.40 -18.55 8.72
C TRP A 143 0.64 -18.24 7.45
N GLU A 144 0.62 -19.18 6.49
CA GLU A 144 -0.24 -19.02 5.28
C GLU A 144 -1.09 -20.27 5.01
N GLN A 145 -2.23 -20.04 4.38
CA GLN A 145 -3.10 -21.08 3.79
C GLN A 145 -3.64 -20.53 2.48
N VAL A 146 -3.65 -21.37 1.46
CA VAL A 146 -4.26 -21.06 0.15
C VAL A 146 -5.47 -21.98 -0.01
N TYR A 147 -6.57 -21.40 -0.48
CA TYR A 147 -7.81 -22.13 -0.81
C TYR A 147 -8.15 -21.87 -2.27
N HIS A 148 -8.84 -22.84 -2.88
CA HIS A 148 -9.42 -22.78 -4.23
C HIS A 148 -10.91 -23.05 -4.08
N HIS A 149 -11.75 -22.05 -4.36
CA HIS A 149 -13.22 -22.18 -4.23
C HIS A 149 -13.53 -22.58 -2.80
N GLY A 150 -12.72 -22.11 -1.85
CA GLY A 150 -12.93 -22.39 -0.41
C GLY A 150 -12.28 -23.68 0.07
N VAL A 151 -11.78 -24.51 -0.84
CA VAL A 151 -11.13 -25.79 -0.41
C VAL A 151 -9.66 -25.51 -0.15
N PRO A 152 -9.14 -25.82 1.07
CA PRO A 152 -7.74 -25.66 1.39
C PRO A 152 -6.88 -26.51 0.46
N GLN A 153 -5.85 -25.90 -0.13
CA GLN A 153 -4.77 -26.57 -0.92
C GLN A 153 -3.85 -27.34 0.03
N PHE A 154 -3.64 -26.81 1.24
CA PHE A 154 -2.74 -27.40 2.25
C PHE A 154 -3.17 -26.86 3.61
N PRO A 155 -2.86 -27.59 4.70
CA PRO A 155 -3.10 -27.07 6.04
C PRO A 155 -2.30 -25.79 6.29
N LEU A 156 -2.86 -24.89 7.10
CA LEU A 156 -2.13 -23.69 7.56
C LEU A 156 -0.67 -24.03 7.89
N ARG A 157 0.28 -23.34 7.28
CA ARG A 157 1.74 -23.70 7.35
C ARG A 157 2.58 -22.47 7.71
N GLU A 158 3.60 -22.68 8.55
CA GLU A 158 4.60 -21.66 8.94
C GLU A 158 5.51 -21.34 7.76
N VAL A 159 5.71 -20.05 7.46
CA VAL A 159 6.50 -19.60 6.27
C VAL A 159 7.55 -18.56 6.64
N GLY A 160 7.48 -17.89 7.79
CA GLY A 160 8.47 -16.85 8.12
C GLY A 160 8.43 -16.44 9.56
N GLU A 161 9.20 -15.41 9.91
CA GLU A 161 9.16 -14.70 11.22
C GLU A 161 8.67 -13.28 10.98
N THR A 162 8.27 -12.61 12.06
CA THR A 162 7.72 -11.23 12.04
C THR A 162 7.73 -10.73 13.48
N ASP A 163 7.78 -9.40 13.65
CA ASP A 163 7.61 -8.72 14.97
C ASP A 163 6.27 -7.99 14.96
N GLY A 164 5.52 -8.07 13.87
CA GLY A 164 4.14 -7.56 13.77
C GLY A 164 3.11 -8.65 14.03
N SER A 165 1.85 -8.24 14.15
CA SER A 165 0.65 -9.08 14.36
C SER A 165 -0.47 -8.60 13.42
N GLY A 166 -1.30 -9.50 12.88
CA GLY A 166 -2.45 -9.09 12.05
C GLY A 166 -2.77 -10.14 11.02
N THR A 167 -3.72 -9.79 10.16
CA THR A 167 -4.39 -10.74 9.25
C THR A 167 -4.42 -10.10 7.87
N GLU A 168 -4.09 -10.90 6.87
CA GLU A 168 -4.05 -10.46 5.46
C GLU A 168 -4.80 -11.50 4.64
N VAL A 169 -5.78 -11.02 3.88
CA VAL A 169 -6.55 -11.88 2.95
C VAL A 169 -6.42 -11.26 1.56
N HIS A 170 -5.88 -12.05 0.65
CA HIS A 170 -5.81 -11.77 -0.79
C HIS A 170 -6.78 -12.70 -1.49
N PHE A 171 -7.71 -12.18 -2.27
CA PHE A 171 -8.64 -13.09 -2.99
C PHE A 171 -8.83 -12.64 -4.43
N LYS A 172 -9.02 -13.67 -5.25
CA LYS A 172 -9.31 -13.61 -6.70
C LYS A 172 -10.72 -14.18 -6.91
N PRO A 173 -11.70 -13.29 -7.19
CA PRO A 173 -13.08 -13.68 -7.45
C PRO A 173 -13.16 -14.72 -8.57
N SER A 174 -13.98 -15.75 -8.34
CA SER A 174 -14.15 -16.86 -9.30
C SER A 174 -14.90 -16.36 -10.52
N PRO A 175 -14.35 -16.52 -11.74
CA PRO A 175 -15.08 -16.15 -12.96
C PRO A 175 -16.20 -17.12 -13.34
N GLU A 176 -16.29 -18.27 -12.65
CA GLU A 176 -17.46 -19.17 -12.73
C GLU A 176 -18.61 -18.59 -11.88
N THR A 177 -18.36 -17.68 -10.94
CA THR A 177 -19.45 -17.02 -10.17
C THR A 177 -19.79 -15.66 -10.78
N PHE A 178 -18.77 -14.80 -10.91
CA PHE A 178 -18.92 -13.38 -11.32
C PHE A 178 -18.59 -13.24 -12.80
N SER A 179 -19.35 -12.43 -13.48
CA SER A 179 -19.01 -11.86 -14.81
C SER A 179 -18.49 -10.42 -14.63
N ASN A 180 -17.70 -9.94 -15.59
CA ASN A 180 -17.22 -8.54 -15.64
C ASN A 180 -16.52 -8.18 -14.32
N ILE A 181 -15.51 -8.95 -13.96
CA ILE A 181 -14.72 -8.79 -12.70
C ILE A 181 -13.84 -7.53 -12.82
N HIS A 182 -14.39 -6.38 -12.42
CA HIS A 182 -13.73 -5.05 -12.49
C HIS A 182 -14.15 -4.26 -11.26
N PHE A 183 -13.20 -4.01 -10.37
CA PHE A 183 -13.45 -3.29 -9.11
C PHE A 183 -13.50 -1.81 -9.42
N SER A 184 -14.23 -1.08 -8.60
CA SER A 184 -14.43 0.38 -8.76
C SER A 184 -13.79 1.05 -7.56
N TRP A 185 -12.85 1.96 -7.84
CA TRP A 185 -12.31 2.91 -6.85
C TRP A 185 -13.49 3.59 -6.17
N ASP A 186 -14.41 4.15 -6.94
CA ASP A 186 -15.50 4.99 -6.36
C ASP A 186 -16.30 4.14 -5.37
N ILE A 187 -16.57 2.88 -5.67
CA ILE A 187 -17.43 2.04 -4.80
C ILE A 187 -16.70 1.77 -3.49
N LEU A 188 -15.41 1.43 -3.57
CA LEU A 188 -14.64 1.04 -2.36
C LEU A 188 -14.35 2.28 -1.54
N ALA A 189 -14.10 3.40 -2.21
CA ALA A 189 -13.84 4.70 -1.57
C ALA A 189 -15.05 5.09 -0.72
N LYS A 190 -16.24 5.05 -1.33
CA LYS A 190 -17.51 5.41 -0.64
C LYS A 190 -17.60 4.53 0.61
N ARG A 191 -17.44 3.22 0.47
CA ARG A 191 -17.59 2.30 1.62
C ARG A 191 -16.61 2.68 2.73
N ILE A 192 -15.36 2.92 2.37
CA ILE A 192 -14.31 3.29 3.32
C ILE A 192 -14.61 4.66 3.94
N ARG A 193 -15.09 5.61 3.17
CA ARG A 193 -15.53 6.91 3.73
C ARG A 193 -16.59 6.64 4.82
N GLU A 194 -17.54 5.72 4.57
CA GLU A 194 -18.57 5.32 5.54
C GLU A 194 -17.90 4.76 6.79
N LEU A 195 -17.03 3.77 6.62
CA LEU A 195 -16.43 3.02 7.73
C LEU A 195 -15.62 4.00 8.56
N SER A 196 -14.89 4.91 7.89
CA SER A 196 -13.98 5.88 8.53
C SER A 196 -14.79 6.88 9.33
N PHE A 197 -15.87 7.36 8.72
CA PHE A 197 -16.82 8.31 9.33
C PHE A 197 -17.40 7.69 10.60
N LEU A 198 -17.79 6.42 10.54
CA LEU A 198 -18.51 5.71 11.64
C LEU A 198 -17.52 5.17 12.68
N ASN A 199 -16.24 5.06 12.36
CA ASN A 199 -15.19 4.53 13.28
C ASN A 199 -14.00 5.50 13.28
N SER A 200 -14.11 6.62 14.01
CA SER A 200 -13.18 7.77 13.87
C SER A 200 -11.73 7.36 14.20
N GLY A 201 -11.54 6.30 15.01
CA GLY A 201 -10.19 5.81 15.42
C GLY A 201 -9.44 5.07 14.32
N VAL A 202 -10.11 4.51 13.33
CA VAL A 202 -9.40 3.54 12.44
C VAL A 202 -8.81 4.25 11.23
N GLY A 203 -7.55 3.99 10.89
CA GLY A 203 -6.94 4.48 9.64
C GLY A 203 -7.07 3.46 8.52
N ILE A 204 -7.71 3.81 7.41
CA ILE A 204 -7.98 2.83 6.33
C ILE A 204 -7.33 3.32 5.06
N LEU A 205 -6.40 2.53 4.54
CA LEU A 205 -5.64 2.89 3.31
C LEU A 205 -6.26 2.10 2.16
N LEU A 206 -6.70 2.84 1.15
CA LEU A 206 -7.08 2.30 -0.16
C LEU A 206 -5.96 2.62 -1.15
N ARG A 207 -5.45 1.60 -1.82
CA ARG A 207 -4.50 1.71 -2.94
C ARG A 207 -5.08 1.03 -4.18
N ASP A 208 -5.11 1.74 -5.29
CA ASP A 208 -5.42 1.18 -6.63
C ASP A 208 -4.10 1.07 -7.40
N GLU A 209 -3.58 -0.14 -7.56
CA GLU A 209 -2.35 -0.37 -8.32
C GLU A 209 -2.55 -0.10 -9.81
N ARG A 210 -3.78 -0.10 -10.31
CA ARG A 210 -4.06 0.06 -11.76
C ARG A 210 -3.77 1.51 -12.14
N THR A 211 -4.05 2.45 -11.24
CA THR A 211 -3.90 3.92 -11.48
C THR A 211 -2.82 4.53 -10.59
N GLY A 212 -2.35 3.80 -9.56
CA GLY A 212 -1.44 4.30 -8.52
C GLY A 212 -2.12 5.23 -7.51
N LYS A 213 -3.44 5.42 -7.61
CA LYS A 213 -4.18 6.31 -6.69
C LYS A 213 -4.12 5.69 -5.29
N GLU A 214 -3.83 6.49 -4.28
CA GLU A 214 -4.00 6.05 -2.88
C GLU A 214 -4.62 7.17 -2.07
N GLU A 215 -5.25 6.75 -0.97
CA GLU A 215 -5.86 7.67 0.01
C GLU A 215 -5.93 6.94 1.34
N LEU A 216 -5.42 7.58 2.38
CA LEU A 216 -5.68 7.17 3.77
C LEU A 216 -6.89 7.96 4.22
N PHE A 217 -7.92 7.25 4.66
CA PHE A 217 -9.15 7.82 5.25
C PHE A 217 -9.09 7.60 6.77
N LYS A 218 -9.14 8.67 7.54
CA LYS A 218 -9.13 8.62 9.01
C LYS A 218 -9.82 9.91 9.48
N TYR A 219 -10.93 9.84 10.21
CA TYR A 219 -11.80 11.03 10.45
C TYR A 219 -11.03 12.18 11.14
N ASP B 19 5.44 23.89 10.62
CA ASP B 19 4.55 24.49 9.57
C ASP B 19 5.22 25.68 8.87
N ALA B 20 6.46 25.99 9.21
CA ALA B 20 7.21 27.11 8.57
C ALA B 20 7.25 26.82 7.07
N VAL B 21 7.46 25.57 6.69
CA VAL B 21 7.60 25.19 5.26
C VAL B 21 6.26 25.45 4.57
N ARG B 22 5.19 24.94 5.17
CA ARG B 22 3.80 25.06 4.64
C ARG B 22 3.44 26.52 4.48
N LYS B 23 3.82 27.34 5.45
CA LYS B 23 3.48 28.78 5.49
C LYS B 23 4.23 29.51 4.37
N ARG B 24 5.51 29.22 4.14
CA ARG B 24 6.33 29.96 3.13
C ARG B 24 7.03 28.94 2.24
N PRO B 25 6.28 28.22 1.38
CA PRO B 25 6.81 27.08 0.64
C PRO B 25 7.78 27.47 -0.50
N GLY B 26 7.51 28.62 -1.12
CA GLY B 26 8.35 29.23 -2.15
C GLY B 26 9.80 29.21 -1.71
N MET B 27 10.07 29.59 -0.46
CA MET B 27 11.41 29.72 0.16
C MET B 27 12.09 28.34 0.23
N TYR B 28 11.33 27.23 0.30
CA TYR B 28 11.90 25.88 0.50
C TYR B 28 11.93 25.09 -0.81
N ILE B 29 10.95 25.26 -1.70
CA ILE B 29 10.81 24.31 -2.84
C ILE B 29 10.94 25.03 -4.20
N GLY B 30 10.75 26.35 -4.23
CA GLY B 30 10.68 27.11 -5.50
C GLY B 30 9.27 27.62 -5.75
N ASP B 31 9.03 28.26 -6.88
CA ASP B 31 7.74 28.91 -7.15
C ASP B 31 6.66 27.83 -7.19
N THR B 32 5.56 28.03 -6.47
CA THR B 32 4.45 27.05 -6.33
C THR B 32 3.40 27.20 -7.44
N ASP B 33 3.61 28.12 -8.40
CA ASP B 33 2.60 28.47 -9.45
C ASP B 33 3.12 28.18 -10.87
N ASP B 34 4.41 28.34 -11.12
CA ASP B 34 5.00 28.33 -12.49
C ASP B 34 5.56 26.93 -12.79
N GLY B 35 5.36 25.97 -11.90
CA GLY B 35 5.71 24.54 -12.13
C GLY B 35 7.10 24.21 -11.60
N THR B 36 7.92 25.23 -11.35
CA THR B 36 9.29 25.09 -10.78
C THR B 36 9.24 24.20 -9.54
N GLY B 37 8.50 24.63 -8.50
CA GLY B 37 8.48 23.94 -7.20
C GLY B 37 7.91 22.55 -7.33
N LEU B 38 6.84 22.42 -8.11
CA LEU B 38 6.15 21.13 -8.33
C LEU B 38 7.18 20.12 -8.81
N HIS B 39 8.01 20.48 -9.79
CA HIS B 39 8.96 19.51 -10.39
C HIS B 39 10.10 19.27 -9.41
N HIS B 40 10.45 20.28 -8.63
CA HIS B 40 11.55 20.16 -7.64
C HIS B 40 11.13 19.17 -6.56
N MET B 41 9.83 19.03 -6.28
CA MET B 41 9.34 18.00 -5.33
C MET B 41 9.89 16.64 -5.76
N VAL B 42 9.79 16.33 -7.05
CA VAL B 42 10.27 15.05 -7.65
C VAL B 42 11.81 15.01 -7.57
N PHE B 43 12.48 16.08 -7.99
CA PHE B 43 13.97 16.12 -8.09
C PHE B 43 14.57 15.86 -6.71
N GLU B 44 13.95 16.38 -5.66
CA GLU B 44 14.47 16.25 -4.29
C GLU B 44 14.33 14.79 -3.86
N VAL B 45 13.19 14.16 -4.10
CA VAL B 45 13.06 12.71 -3.76
C VAL B 45 14.09 11.93 -4.58
N VAL B 46 14.19 12.21 -5.88
CA VAL B 46 15.12 11.46 -6.76
C VAL B 46 16.56 11.71 -6.28
N ASP B 47 16.88 12.91 -5.81
CA ASP B 47 18.27 13.19 -5.40
C ASP B 47 18.68 12.23 -4.27
N ASN B 48 17.75 11.88 -3.40
CA ASN B 48 18.07 10.93 -2.30
C ASN B 48 18.42 9.56 -2.89
N SER B 49 17.72 9.13 -3.94
CA SER B 49 17.99 7.83 -4.60
C SER B 49 19.33 7.90 -5.33
N ILE B 50 19.64 9.05 -5.92
CA ILE B 50 20.93 9.28 -6.63
C ILE B 50 22.07 9.20 -5.62
N ASP B 51 21.90 9.67 -4.38
CA ASP B 51 22.95 9.53 -3.33
C ASP B 51 23.25 8.04 -3.17
N GLU B 52 22.18 7.24 -3.13
CA GLU B 52 22.29 5.78 -2.90
C GLU B 52 23.08 5.19 -4.07
N ALA B 53 22.89 5.69 -5.28
CA ALA B 53 23.59 5.16 -6.48
C ALA B 53 25.06 5.60 -6.42
N LEU B 54 25.30 6.88 -6.11
CA LEU B 54 26.64 7.47 -6.03
C LEU B 54 27.45 6.68 -4.99
N ALA B 55 26.84 6.31 -3.87
CA ALA B 55 27.52 5.55 -2.79
C ALA B 55 27.73 4.09 -3.22
N GLY B 56 27.11 3.64 -4.33
CA GLY B 56 27.37 2.32 -4.95
C GLY B 56 26.30 1.27 -4.62
N TYR B 57 25.16 1.67 -4.04
CA TYR B 57 24.14 0.72 -3.52
C TYR B 57 22.94 0.62 -4.46
N CYS B 58 22.77 1.54 -5.41
CA CYS B 58 21.53 1.64 -6.22
C CYS B 58 21.87 1.59 -7.71
N SER B 59 21.28 0.66 -8.46
CA SER B 59 21.46 0.50 -9.94
C SER B 59 20.18 0.91 -10.68
N GLU B 60 19.04 0.94 -10.00
CA GLU B 60 17.75 1.18 -10.67
C GLU B 60 16.95 2.18 -9.85
N ILE B 61 16.42 3.18 -10.55
CA ILE B 61 15.43 4.15 -10.02
C ILE B 61 14.25 4.16 -11.00
N SER B 62 13.03 4.08 -10.49
CA SER B 62 11.81 4.23 -11.33
C SER B 62 11.00 5.41 -10.81
N ILE B 63 10.66 6.30 -11.72
CA ILE B 63 9.82 7.49 -11.46
C ILE B 63 8.55 7.36 -12.26
N THR B 64 7.40 7.38 -11.60
CA THR B 64 6.08 7.22 -12.27
C THR B 64 5.18 8.42 -12.01
N ILE B 65 4.65 9.00 -13.08
CA ILE B 65 3.57 10.03 -13.04
C ILE B 65 2.22 9.32 -13.16
N HIS B 66 1.38 9.44 -12.14
CA HIS B 66 0.06 8.77 -12.05
C HIS B 66 -1.02 9.70 -12.59
N THR B 67 -2.18 9.17 -12.97
CA THR B 67 -3.23 9.99 -13.64
C THR B 67 -3.84 10.97 -12.65
N ASP B 68 -3.66 10.78 -11.33
CA ASP B 68 -4.15 11.72 -10.29
C ASP B 68 -3.09 12.78 -9.97
N GLU B 69 -2.01 12.85 -10.75
CA GLU B 69 -0.93 13.86 -10.62
C GLU B 69 -0.20 13.60 -9.29
N SER B 70 -0.10 12.33 -8.90
CA SER B 70 0.80 11.85 -7.84
C SER B 70 2.03 11.24 -8.51
N ILE B 71 3.02 10.91 -7.70
CA ILE B 71 4.38 10.50 -8.14
C ILE B 71 4.79 9.31 -7.28
N THR B 72 5.35 8.30 -7.91
CA THR B 72 6.02 7.19 -7.20
C THR B 72 7.48 7.23 -7.67
N VAL B 73 8.39 7.28 -6.70
CA VAL B 73 9.84 7.07 -6.91
C VAL B 73 10.21 5.81 -6.15
N ARG B 74 10.89 4.90 -6.82
CA ARG B 74 11.33 3.64 -6.23
C ARG B 74 12.82 3.42 -6.54
N ASP B 75 13.62 3.00 -5.57
CA ASP B 75 15.06 2.66 -5.79
C ASP B 75 15.33 1.27 -5.23
N ASN B 76 16.46 0.67 -5.61
CA ASN B 76 16.89 -0.68 -5.13
C ASN B 76 18.14 -0.49 -4.23
N GLY B 77 18.17 0.63 -3.49
CA GLY B 77 19.25 0.99 -2.57
C GLY B 77 19.14 0.22 -1.28
N ARG B 78 19.79 0.71 -0.23
CA ARG B 78 19.92 -0.04 1.06
C ARG B 78 18.57 -0.04 1.79
N GLY B 79 17.66 0.86 1.43
CA GLY B 79 16.45 1.19 2.21
C GLY B 79 16.80 2.11 3.37
N ILE B 80 15.97 3.10 3.61
CA ILE B 80 16.16 4.07 4.73
C ILE B 80 16.17 3.26 6.00
N PRO B 81 17.13 3.47 6.92
CA PRO B 81 17.10 2.73 8.19
C PRO B 81 15.80 2.96 8.97
N VAL B 82 15.42 1.95 9.76
CA VAL B 82 14.13 1.90 10.50
C VAL B 82 14.42 1.93 12.00
N ASP B 83 15.67 1.73 12.41
CA ASP B 83 16.03 1.58 13.84
C ASP B 83 15.45 2.78 14.59
N ILE B 84 14.92 2.53 15.78
CA ILE B 84 14.44 3.64 16.66
C ILE B 84 15.64 4.54 16.93
N HIS B 85 15.50 5.85 16.72
CA HIS B 85 16.56 6.88 16.86
C HIS B 85 16.70 7.27 18.34
N LYS B 86 17.90 7.16 18.92
CA LYS B 86 18.06 7.30 20.39
C LYS B 86 17.50 8.66 20.83
N GLU B 87 17.76 9.71 20.08
CA GLU B 87 17.42 11.09 20.49
C GLU B 87 15.93 11.38 20.28
N GLU B 88 15.40 11.07 19.10
CA GLU B 88 14.05 11.54 18.66
C GLU B 88 12.97 10.54 19.09
N GLY B 89 13.33 9.30 19.39
CA GLY B 89 12.42 8.33 20.02
C GLY B 89 11.56 7.59 19.02
N VAL B 90 11.71 7.88 17.72
CA VAL B 90 10.96 7.20 16.63
C VAL B 90 11.94 6.64 15.62
N SER B 91 11.44 5.92 14.64
CA SER B 91 12.25 5.34 13.56
C SER B 91 13.06 6.44 12.86
N ALA B 92 14.27 6.11 12.45
CA ALA B 92 15.14 7.02 11.69
C ALA B 92 14.37 7.47 10.45
N ALA B 93 13.74 6.54 9.72
CA ALA B 93 12.89 6.88 8.56
C ALA B 93 11.94 8.02 8.95
N GLU B 94 11.27 7.96 10.08
CA GLU B 94 10.28 9.01 10.45
C GLU B 94 11.04 10.34 10.61
N VAL B 95 12.16 10.30 11.32
CA VAL B 95 13.01 11.49 11.58
C VAL B 95 13.36 12.15 10.24
N ILE B 96 13.91 11.38 9.31
CA ILE B 96 14.28 11.84 7.93
C ILE B 96 13.10 12.59 7.33
N MET B 97 11.91 11.99 7.43
CA MET B 97 10.73 12.44 6.63
C MET B 97 10.07 13.64 7.31
N THR B 98 10.34 13.87 8.60
CA THR B 98 9.58 14.85 9.41
C THR B 98 10.43 15.99 9.98
N VAL B 99 11.74 15.85 10.08
CA VAL B 99 12.62 16.85 10.76
C VAL B 99 13.49 17.55 9.69
N LEU B 100 13.22 18.83 9.46
CA LEU B 100 13.97 19.70 8.51
C LEU B 100 15.45 19.74 8.94
N HIS B 101 16.37 19.41 8.03
CA HIS B 101 17.81 19.17 8.34
C HIS B 101 18.02 17.69 8.67
N GLY B 121 15.95 18.93 1.99
CA GLY B 121 15.75 17.52 2.40
C GLY B 121 14.33 17.03 2.09
N VAL B 122 14.12 15.73 2.06
CA VAL B 122 12.82 15.12 1.60
C VAL B 122 11.69 15.50 2.58
N SER B 123 12.00 15.97 3.79
CA SER B 123 10.99 16.41 4.79
C SER B 123 10.17 17.59 4.21
N VAL B 124 10.76 18.37 3.33
CA VAL B 124 10.06 19.51 2.66
C VAL B 124 8.99 18.96 1.73
N VAL B 125 9.34 17.98 0.90
CA VAL B 125 8.37 17.30 0.00
C VAL B 125 7.21 16.79 0.86
N ASN B 126 7.51 16.16 1.97
CA ASN B 126 6.51 15.57 2.88
C ASN B 126 5.59 16.69 3.36
N ALA B 127 6.17 17.78 3.84
CA ALA B 127 5.40 18.89 4.42
C ALA B 127 4.41 19.41 3.37
N LEU B 128 4.82 19.40 2.09
CA LEU B 128 4.06 20.04 0.98
C LEU B 128 3.23 19.00 0.21
N SER B 129 3.10 17.78 0.76
CA SER B 129 2.31 16.67 0.18
C SER B 129 1.06 16.45 1.04
N HIS B 130 -0.11 16.53 0.40
CA HIS B 130 -1.44 16.21 1.01
C HIS B 130 -1.35 14.85 1.69
N GLU B 131 -0.80 13.89 0.97
CA GLU B 131 -0.51 12.53 1.47
C GLU B 131 0.83 12.07 0.87
N LEU B 132 1.68 11.50 1.71
CA LEU B 132 2.88 10.75 1.26
C LEU B 132 2.89 9.38 1.93
N ARG B 133 3.15 8.33 1.16
CA ARG B 133 3.45 6.99 1.71
C ARG B 133 4.95 6.69 1.51
N LEU B 134 5.59 6.19 2.55
CA LEU B 134 6.94 5.60 2.49
C LEU B 134 6.86 4.08 2.67
N THR B 135 7.45 3.33 1.75
CA THR B 135 7.64 1.87 1.89
C THR B 135 9.14 1.58 1.80
N ILE B 136 9.66 0.87 2.79
CA ILE B 136 11.10 0.49 2.88
C ILE B 136 11.22 -1.03 2.90
N ARG B 137 12.10 -1.58 2.08
CA ARG B 137 12.53 -2.99 2.09
C ARG B 137 13.96 -3.05 2.65
N ARG B 138 14.13 -3.63 3.83
CA ARG B 138 15.43 -3.61 4.57
C ARG B 138 15.42 -4.77 5.57
N HIS B 139 16.49 -5.55 5.56
CA HIS B 139 16.66 -6.78 6.39
C HIS B 139 15.51 -7.75 6.10
N ASN B 140 15.03 -7.85 4.85
CA ASN B 140 13.98 -8.81 4.40
C ASN B 140 12.61 -8.51 5.02
N LYS B 141 12.42 -7.29 5.50
CA LYS B 141 11.13 -6.81 6.03
C LYS B 141 10.64 -5.63 5.18
N VAL B 142 9.33 -5.49 5.05
CA VAL B 142 8.68 -4.34 4.37
C VAL B 142 8.13 -3.47 5.50
N TRP B 143 8.52 -2.19 5.52
CA TRP B 143 8.09 -1.19 6.55
C TRP B 143 7.36 -0.07 5.85
N GLU B 144 6.33 0.48 6.48
CA GLU B 144 5.42 1.45 5.82
C GLU B 144 4.98 2.52 6.82
N GLN B 145 4.90 3.76 6.33
CA GLN B 145 4.38 4.92 7.09
C GLN B 145 3.69 5.85 6.11
N VAL B 146 2.58 6.44 6.55
CA VAL B 146 1.80 7.41 5.75
C VAL B 146 1.73 8.71 6.53
N TYR B 147 1.87 9.82 5.82
CA TYR B 147 1.84 11.19 6.39
C TYR B 147 0.77 11.98 5.63
N HIS B 148 0.20 12.97 6.31
CA HIS B 148 -0.71 14.00 5.74
C HIS B 148 -0.11 15.37 6.05
N HIS B 149 0.33 16.09 5.02
CA HIS B 149 0.96 17.41 5.24
C HIS B 149 2.16 17.23 6.14
N GLY B 150 2.83 16.08 6.03
CA GLY B 150 4.05 15.78 6.79
C GLY B 150 3.76 15.19 8.15
N VAL B 151 2.52 15.17 8.60
CA VAL B 151 2.19 14.61 9.93
C VAL B 151 2.02 13.10 9.77
N PRO B 152 2.83 12.29 10.49
CA PRO B 152 2.73 10.84 10.42
C PRO B 152 1.39 10.39 11.00
N GLN B 153 0.66 9.55 10.27
CA GLN B 153 -0.69 9.07 10.65
C GLN B 153 -0.57 7.90 11.62
N PHE B 154 0.48 7.10 11.47
CA PHE B 154 0.83 6.02 12.41
C PHE B 154 2.33 5.86 12.40
N PRO B 155 2.90 5.28 13.47
CA PRO B 155 4.32 4.94 13.49
C PRO B 155 4.70 3.99 12.36
N LEU B 156 5.92 4.10 11.86
CA LEU B 156 6.48 3.13 10.87
C LEU B 156 6.13 1.73 11.35
N ARG B 157 5.46 0.93 10.50
CA ARG B 157 5.01 -0.42 10.90
C ARG B 157 5.63 -1.45 9.94
N GLU B 158 6.17 -2.51 10.53
CA GLU B 158 6.53 -3.77 9.83
C GLU B 158 5.22 -4.38 9.33
N VAL B 159 5.09 -4.55 8.02
CA VAL B 159 3.78 -4.88 7.37
C VAL B 159 3.90 -6.11 6.47
N GLY B 160 5.11 -6.54 6.10
CA GLY B 160 5.33 -7.67 5.18
C GLY B 160 6.75 -8.20 5.28
N GLU B 161 7.06 -9.20 4.44
CA GLU B 161 8.41 -9.77 4.21
C GLU B 161 8.80 -9.54 2.74
N THR B 162 10.08 -9.60 2.40
CA THR B 162 10.61 -9.37 1.03
C THR B 162 11.98 -10.01 0.93
N ASP B 163 12.40 -10.32 -0.30
CA ASP B 163 13.72 -10.92 -0.65
C ASP B 163 14.61 -9.82 -1.23
N GLY B 164 14.20 -8.55 -1.14
CA GLY B 164 14.96 -7.41 -1.72
C GLY B 164 15.06 -6.19 -0.79
N SER B 165 15.77 -5.14 -1.24
CA SER B 165 16.16 -3.94 -0.45
C SER B 165 15.89 -2.68 -1.30
N GLY B 166 15.45 -1.58 -0.67
CA GLY B 166 15.25 -0.30 -1.36
C GLY B 166 14.12 0.49 -0.74
N THR B 167 13.78 1.61 -1.37
CA THR B 167 12.91 2.66 -0.78
C THR B 167 11.94 3.09 -1.87
N GLU B 168 10.69 3.25 -1.49
CA GLU B 168 9.62 3.73 -2.39
C GLU B 168 8.90 4.89 -1.70
N VAL B 169 8.73 6.00 -2.41
CA VAL B 169 7.92 7.15 -1.96
C VAL B 169 6.85 7.42 -3.01
N HIS B 170 5.59 7.43 -2.55
CA HIS B 170 4.42 7.85 -3.34
C HIS B 170 3.89 9.15 -2.73
N PHE B 171 3.84 10.24 -3.49
CA PHE B 171 3.33 11.51 -2.90
C PHE B 171 2.40 12.25 -3.86
N LYS B 172 1.44 12.94 -3.26
CA LYS B 172 0.45 13.82 -3.93
C LYS B 172 0.72 15.23 -3.43
N PRO B 173 1.25 16.11 -4.29
CA PRO B 173 1.46 17.52 -3.96
C PRO B 173 0.17 18.17 -3.46
N SER B 174 0.26 18.90 -2.34
CA SER B 174 -0.88 19.59 -1.70
C SER B 174 -1.35 20.71 -2.61
N PRO B 175 -2.65 20.72 -3.00
CA PRO B 175 -3.22 21.83 -3.77
C PRO B 175 -3.47 23.09 -2.94
N GLU B 176 -3.32 23.05 -1.61
CA GLU B 176 -3.27 24.26 -0.74
C GLU B 176 -1.86 24.91 -0.87
N THR B 177 -0.85 24.24 -1.41
CA THR B 177 0.47 24.86 -1.68
C THR B 177 0.61 25.26 -3.15
N PHE B 178 0.40 24.32 -4.07
CA PHE B 178 0.63 24.44 -5.53
C PHE B 178 -0.69 24.71 -6.25
N SER B 179 -0.65 25.57 -7.27
CA SER B 179 -1.69 25.74 -8.32
C SER B 179 -1.20 25.10 -9.63
N ASN B 180 -2.10 24.84 -10.60
CA ASN B 180 -1.76 24.27 -11.94
C ASN B 180 -0.95 22.98 -11.75
N ILE B 181 -1.41 22.04 -10.93
CA ILE B 181 -0.71 20.74 -10.68
C ILE B 181 -0.84 19.84 -11.92
N HIS B 182 0.03 20.03 -12.91
CA HIS B 182 0.23 19.11 -14.06
C HIS B 182 1.73 18.89 -14.14
N PHE B 183 2.17 17.65 -13.97
CA PHE B 183 3.57 17.26 -14.20
C PHE B 183 3.85 17.26 -15.70
N SER B 184 5.06 17.64 -16.06
CA SER B 184 5.52 17.71 -17.46
C SER B 184 6.54 16.59 -17.69
N TRP B 185 6.27 15.77 -18.69
CA TRP B 185 7.24 14.77 -19.18
C TRP B 185 8.56 15.48 -19.48
N ASP B 186 8.49 16.55 -20.27
CA ASP B 186 9.69 17.27 -20.78
C ASP B 186 10.53 17.74 -19.59
N ILE B 187 9.90 18.28 -18.55
CA ILE B 187 10.68 18.84 -17.42
C ILE B 187 11.37 17.72 -16.65
N LEU B 188 10.70 16.60 -16.42
CA LEU B 188 11.33 15.47 -15.68
C LEU B 188 12.39 14.80 -16.57
N ALA B 189 12.10 14.63 -17.85
CA ALA B 189 12.94 13.89 -18.80
C ALA B 189 14.32 14.56 -18.88
N LYS B 190 14.35 15.89 -19.07
CA LYS B 190 15.60 16.67 -19.18
C LYS B 190 16.42 16.35 -17.94
N ARG B 191 15.86 16.53 -16.76
CA ARG B 191 16.65 16.41 -15.52
C ARG B 191 17.15 14.96 -15.37
N ILE B 192 16.30 14.00 -15.66
CA ILE B 192 16.65 12.56 -15.58
C ILE B 192 17.73 12.22 -16.61
N ARG B 193 17.65 12.76 -17.82
CA ARG B 193 18.72 12.58 -18.82
C ARG B 193 20.05 13.00 -18.18
N GLU B 194 20.04 14.15 -17.49
CA GLU B 194 21.23 14.72 -16.80
C GLU B 194 21.71 13.71 -15.76
N LEU B 195 20.81 13.30 -14.88
CA LEU B 195 21.18 12.47 -13.71
C LEU B 195 21.74 11.14 -14.23
N SER B 196 21.16 10.62 -15.31
CA SER B 196 21.56 9.32 -15.91
C SER B 196 22.97 9.43 -16.48
N PHE B 197 23.19 10.53 -17.21
CA PHE B 197 24.50 10.86 -17.81
C PHE B 197 25.58 10.93 -16.72
N LEU B 198 25.29 11.60 -15.60
CA LEU B 198 26.24 11.91 -14.51
C LEU B 198 26.39 10.71 -13.57
N ASN B 199 25.45 9.77 -13.58
CA ASN B 199 25.50 8.54 -12.73
C ASN B 199 25.38 7.31 -13.65
N SER B 200 26.46 6.98 -14.36
CA SER B 200 26.43 6.03 -15.51
C SER B 200 25.97 4.64 -15.05
N GLY B 201 26.18 4.30 -13.78
CA GLY B 201 25.84 2.98 -13.21
C GLY B 201 24.36 2.77 -12.97
N VAL B 202 23.55 3.84 -12.93
CA VAL B 202 22.11 3.71 -12.63
C VAL B 202 21.27 3.78 -13.92
N GLY B 203 20.25 2.94 -13.99
CA GLY B 203 19.13 3.06 -14.94
C GLY B 203 17.99 3.78 -14.29
N ILE B 204 17.49 4.84 -14.93
CA ILE B 204 16.29 5.57 -14.41
C ILE B 204 15.12 5.42 -15.38
N LEU B 205 14.04 4.83 -14.89
CA LEU B 205 12.82 4.57 -15.69
C LEU B 205 11.80 5.66 -15.40
N LEU B 206 11.44 6.40 -16.44
CA LEU B 206 10.34 7.40 -16.36
C LEU B 206 9.13 6.78 -17.06
N ARG B 207 8.03 6.67 -16.32
CA ARG B 207 6.75 6.12 -16.80
C ARG B 207 5.64 7.15 -16.58
N ASP B 208 4.89 7.47 -17.63
CA ASP B 208 3.74 8.38 -17.58
C ASP B 208 2.48 7.54 -17.73
N GLU B 209 1.74 7.32 -16.65
CA GLU B 209 0.52 6.48 -16.73
C GLU B 209 -0.58 7.23 -17.49
N ARG B 210 -0.47 8.55 -17.68
CA ARG B 210 -1.50 9.35 -18.39
C ARG B 210 -1.47 8.98 -19.88
N THR B 211 -0.27 8.74 -20.42
CA THR B 211 -0.04 8.48 -21.86
C THR B 211 0.35 7.02 -22.14
N GLY B 212 0.65 6.20 -21.11
CA GLY B 212 1.13 4.81 -21.25
C GLY B 212 2.57 4.68 -21.75
N LYS B 213 3.30 5.79 -21.78
CA LYS B 213 4.70 5.90 -22.29
C LYS B 213 5.69 5.60 -21.16
N GLU B 214 6.67 4.72 -21.37
CA GLU B 214 7.87 4.65 -20.48
C GLU B 214 9.15 4.68 -21.34
N GLU B 215 10.21 5.23 -20.76
CA GLU B 215 11.55 5.34 -21.40
C GLU B 215 12.61 5.23 -20.28
N LEU B 216 13.57 4.36 -20.53
CA LEU B 216 14.77 4.13 -19.67
C LEU B 216 15.82 5.13 -20.11
N PHE B 217 16.35 5.87 -19.15
CA PHE B 217 17.54 6.74 -19.29
C PHE B 217 18.71 6.02 -18.65
N LYS B 218 19.68 5.59 -19.43
CA LYS B 218 20.88 4.91 -18.89
C LYS B 218 22.02 5.16 -19.87
N TYR B 219 23.16 5.60 -19.33
CA TYR B 219 24.37 5.91 -20.12
C TYR B 219 24.78 4.64 -20.87
N GLU B 220 24.80 4.66 -22.20
CA GLU B 220 24.96 3.46 -23.08
C GLU B 220 26.44 3.32 -23.45
#